data_2YCW
#
_entry.id   2YCW
#
_cell.length_a   89.398
_cell.length_b   57.056
_cell.length_c   109.542
_cell.angle_alpha   90.00
_cell.angle_beta   113.52
_cell.angle_gamma   90.00
#
_symmetry.space_group_name_H-M   'P 1 21 1'
#
loop_
_entity.id
_entity.type
_entity.pdbx_description
1 polymer 'BETA-1 ADRENERGIC RECEPTOR'
2 non-polymer (2S)-1-(9H-Carbazol-4-yloxy)-3-(isopropylamino)propan-2-ol
3 non-polymer HEGA-10
4 non-polymer 'SODIUM ION'
#
_entity_poly.entity_id   1
_entity_poly.type   'polypeptide(L)'
_entity_poly.pdbx_seq_one_letter_code
;MGAELLSQQWEAGMSLLMALVVLLIVAGNVLVIAAIGSTQRLQTLTNLFITSLACADLVVGLLVVPFGATLVVRGTWLWG
SFLCELWTSLDVLCVTASIETLCVIAIDRYLAITSPFRYQSLMTRARAKVIICTVWAISALVSFLPIMMHWWRDEDPQAL
KCYQDPGCCDFVTNRAYAIASSIISFYIPLLIMIFVALRVYREAKEQIRKIDRASKRKRVMLMREHKALKTLGIIMGVFT
LCWLPFFLVNIVNVFNRDLVPDWLFVAFNWLGYANSAMNPIIYCRSPDFRKAFKRLLAFPRKADRRLHHHHHH
;
_entity_poly.pdbx_strand_id   A,B
#
# COMPACT_ATOMS: atom_id res chain seq x y z
N ALA A 3 8.94 -31.01 39.26
CA ALA A 3 8.31 -30.10 38.28
C ALA A 3 8.88 -28.70 38.39
N GLU A 4 8.74 -28.09 39.57
CA GLU A 4 9.24 -26.72 39.83
C GLU A 4 10.74 -26.54 39.57
N LEU A 5 11.44 -27.66 39.32
CA LEU A 5 12.83 -27.65 38.85
C LEU A 5 12.90 -27.79 37.31
N LEU A 6 12.07 -28.67 36.74
CA LEU A 6 11.99 -28.85 35.28
C LEU A 6 11.63 -27.53 34.55
N SER A 7 10.81 -26.72 35.22
CA SER A 7 10.61 -25.32 34.85
C SER A 7 11.97 -24.62 34.81
N GLN A 8 12.63 -24.50 35.97
CA GLN A 8 13.92 -23.80 36.12
C GLN A 8 14.98 -24.15 35.07
N GLN A 9 15.01 -25.40 34.63
CA GLN A 9 15.91 -25.81 33.55
C GLN A 9 15.54 -25.10 32.26
N TRP A 10 14.29 -25.29 31.85
CA TRP A 10 13.79 -24.73 30.60
C TRP A 10 13.92 -23.21 30.57
N GLU A 11 13.58 -22.54 31.67
CA GLU A 11 13.72 -21.10 31.77
C GLU A 11 15.13 -20.62 31.41
N ALA A 12 16.10 -20.91 32.27
CA ALA A 12 17.49 -20.48 32.07
C ALA A 12 18.10 -21.11 30.80
N GLY A 13 17.65 -22.31 30.45
CA GLY A 13 18.00 -22.92 29.17
C GLY A 13 17.58 -22.07 27.99
N MET A 14 16.35 -21.58 28.02
CA MET A 14 15.79 -20.75 26.95
C MET A 14 16.31 -19.31 27.02
N SER A 15 16.49 -18.80 28.24
CA SER A 15 17.13 -17.50 28.44
C SER A 15 18.56 -17.50 27.90
N LEU A 16 19.05 -18.65 27.49
CA LEU A 16 20.39 -18.78 26.93
C LEU A 16 20.33 -18.56 25.42
N LEU A 17 19.44 -19.28 24.73
CA LEU A 17 19.14 -18.99 23.31
C LEU A 17 18.73 -17.54 23.07
N MET A 18 17.76 -17.07 23.85
CA MET A 18 17.31 -15.69 23.73
C MET A 18 18.46 -14.72 23.91
N ALA A 19 19.19 -14.82 25.01
CA ALA A 19 20.36 -13.97 25.22
C ALA A 19 21.38 -14.12 24.08
N LEU A 20 21.44 -15.31 23.47
CA LEU A 20 22.41 -15.56 22.41
C LEU A 20 22.02 -14.87 21.12
N VAL A 21 20.76 -15.04 20.70
CA VAL A 21 20.31 -14.43 19.43
C VAL A 21 20.45 -12.91 19.50
N VAL A 22 20.04 -12.31 20.61
CA VAL A 22 20.24 -10.88 20.81
C VAL A 22 21.66 -10.49 20.43
N LEU A 23 22.62 -11.24 20.95
CA LEU A 23 24.03 -10.97 20.69
C LEU A 23 24.33 -11.10 19.19
N LEU A 24 23.99 -12.24 18.62
CA LEU A 24 24.22 -12.50 17.19
C LEU A 24 23.54 -11.44 16.29
N ILE A 25 22.37 -10.94 16.71
CA ILE A 25 21.68 -9.87 15.99
C ILE A 25 22.39 -8.53 16.18
N VAL A 26 22.45 -8.03 17.42
CA VAL A 26 23.08 -6.74 17.65
C VAL A 26 24.49 -6.76 17.05
N ALA A 27 25.33 -7.68 17.52
CA ALA A 27 26.73 -7.76 17.11
C ALA A 27 26.84 -7.75 15.60
N GLY A 28 26.19 -8.74 14.96
CA GLY A 28 26.23 -8.87 13.51
C GLY A 28 25.92 -7.58 12.76
N ASN A 29 24.86 -6.90 13.17
CA ASN A 29 24.37 -5.72 12.44
C ASN A 29 25.18 -4.46 12.74
N VAL A 30 25.54 -4.25 14.01
CA VAL A 30 26.47 -3.16 14.39
C VAL A 30 27.77 -3.32 13.62
N LEU A 31 28.20 -4.58 13.48
CA LEU A 31 29.30 -4.91 12.58
C LEU A 31 29.02 -4.35 11.16
N VAL A 32 27.84 -4.64 10.62
CA VAL A 32 27.48 -4.20 9.25
C VAL A 32 27.38 -2.68 9.13
N ILE A 33 26.81 -2.00 10.13
CA ILE A 33 26.72 -0.54 10.11
C ILE A 33 28.09 0.13 10.15
N ALA A 34 29.02 -0.41 10.95
CA ALA A 34 30.39 0.13 11.01
C ALA A 34 31.19 -0.18 9.76
N ALA A 35 31.04 -1.40 9.25
CA ALA A 35 31.74 -1.85 8.05
C ALA A 35 31.43 -1.01 6.83
N ILE A 36 30.33 -0.28 6.86
CA ILE A 36 29.97 0.66 5.80
C ILE A 36 30.36 2.06 6.23
N GLY A 37 30.00 2.42 7.46
CA GLY A 37 30.33 3.73 8.00
C GLY A 37 31.81 4.04 8.13
N SER A 38 32.66 3.07 7.78
CA SER A 38 34.11 3.24 7.88
C SER A 38 34.87 2.34 6.90
N THR A 39 34.49 2.39 5.62
CA THR A 39 35.19 1.63 4.58
C THR A 39 34.85 2.23 3.22
N GLN A 40 35.82 2.90 2.62
CA GLN A 40 35.55 3.75 1.45
C GLN A 40 34.88 3.00 0.30
N ARG A 41 35.31 1.78 0.01
CA ARG A 41 34.74 1.03 -1.12
C ARG A 41 33.41 0.33 -0.80
N LEU A 42 33.00 0.34 0.47
CA LEU A 42 31.69 -0.19 0.86
C LEU A 42 30.64 0.92 1.05
N GLN A 43 30.88 2.08 0.43
CA GLN A 43 29.95 3.20 0.53
C GLN A 43 29.27 3.42 -0.81
N THR A 44 28.87 2.33 -1.46
CA THR A 44 27.99 2.42 -2.62
C THR A 44 26.62 3.02 -2.19
N LEU A 45 25.74 3.27 -3.16
CA LEU A 45 24.40 3.78 -2.85
C LEU A 45 23.56 2.65 -2.27
N THR A 46 23.69 1.47 -2.86
CA THR A 46 22.96 0.31 -2.38
C THR A 46 23.23 0.04 -0.91
N ASN A 47 24.47 0.17 -0.46
CA ASN A 47 24.80 -0.07 0.95
C ASN A 47 24.22 0.97 1.92
N LEU A 48 23.72 2.09 1.40
CA LEU A 48 22.95 3.03 2.23
C LEU A 48 21.60 2.43 2.61
N PHE A 49 21.02 1.66 1.70
CA PHE A 49 19.81 0.93 1.99
C PHE A 49 20.10 -0.25 2.91
N ILE A 50 21.19 -0.96 2.64
CA ILE A 50 21.66 -2.05 3.48
C ILE A 50 21.88 -1.61 4.91
N THR A 51 22.43 -0.42 5.11
CA THR A 51 22.47 0.16 6.45
C THR A 51 21.06 0.30 7.04
N SER A 52 20.15 0.87 6.27
CA SER A 52 18.76 1.08 6.70
C SER A 52 18.23 -0.27 7.13
N LEU A 53 18.32 -1.23 6.21
CA LEU A 53 17.88 -2.59 6.45
C LEU A 53 18.46 -3.12 7.75
N ALA A 54 19.73 -2.80 8.01
CA ALA A 54 20.43 -3.27 9.21
C ALA A 54 20.09 -2.52 10.48
N CYS A 55 19.29 -1.46 10.40
CA CYS A 55 18.82 -0.78 11.61
C CYS A 55 17.46 -1.37 12.03
N ALA A 56 16.65 -1.69 11.03
CA ALA A 56 15.44 -2.45 11.27
C ALA A 56 15.81 -3.66 12.10
N ASP A 57 16.76 -4.46 11.61
CA ASP A 57 17.24 -5.64 12.31
C ASP A 57 17.84 -5.28 13.67
N LEU A 58 18.64 -4.22 13.73
CA LEU A 58 19.19 -3.75 14.99
C LEU A 58 18.14 -3.39 16.05
N VAL A 59 17.06 -2.72 15.66
CA VAL A 59 16.01 -2.42 16.65
C VAL A 59 15.36 -3.72 17.11
N VAL A 60 15.23 -4.68 16.19
CA VAL A 60 14.66 -5.99 16.50
C VAL A 60 15.43 -6.66 17.62
N GLY A 61 16.76 -6.56 17.56
CA GLY A 61 17.63 -7.21 18.54
C GLY A 61 17.75 -6.49 19.87
N LEU A 62 17.49 -5.20 19.89
CA LEU A 62 17.60 -4.44 21.14
C LEU A 62 16.27 -4.30 21.87
N LEU A 63 15.16 -4.33 21.13
CA LEU A 63 13.86 -3.96 21.68
C LEU A 63 12.83 -5.06 21.47
N VAL A 64 12.67 -5.51 20.23
CA VAL A 64 11.65 -6.50 19.94
C VAL A 64 11.96 -7.77 20.71
N VAL A 65 13.15 -8.35 20.50
CA VAL A 65 13.45 -9.66 21.10
C VAL A 65 13.59 -9.66 22.63
N PRO A 66 14.51 -8.87 23.20
CA PRO A 66 14.56 -8.78 24.66
C PRO A 66 13.20 -8.89 25.34
N PHE A 67 12.25 -8.06 24.95
CA PHE A 67 10.90 -8.08 25.54
C PHE A 67 10.17 -9.35 25.10
N GLY A 68 10.29 -9.71 23.83
CA GLY A 68 9.67 -10.93 23.32
C GLY A 68 10.27 -12.16 23.97
N ALA A 69 11.53 -12.04 24.38
CA ALA A 69 12.22 -13.06 25.16
C ALA A 69 11.52 -13.22 26.50
N THR A 70 11.50 -12.13 27.27
CA THR A 70 10.88 -12.16 28.60
C THR A 70 9.42 -12.63 28.56
N LEU A 71 8.86 -12.81 27.36
CA LEU A 71 7.47 -13.24 27.23
C LEU A 71 7.39 -14.73 26.97
N VAL A 72 8.24 -15.27 26.10
CA VAL A 72 8.27 -16.72 25.87
C VAL A 72 8.76 -17.44 27.14
N VAL A 73 9.90 -17.01 27.65
CA VAL A 73 10.46 -17.53 28.90
C VAL A 73 9.49 -17.40 30.06
N ARG A 74 9.23 -16.18 30.52
CA ARG A 74 8.42 -15.96 31.72
C ARG A 74 6.92 -16.20 31.54
N GLY A 75 6.47 -16.58 30.35
CA GLY A 75 5.07 -16.93 30.13
C GLY A 75 4.07 -15.76 30.07
N THR A 76 4.32 -14.69 30.82
CA THR A 76 3.42 -13.55 30.87
C THR A 76 4.11 -12.28 30.34
N TRP A 77 3.38 -11.17 30.33
CA TRP A 77 3.95 -9.89 30.01
C TRP A 77 4.11 -9.18 31.35
N LEU A 78 5.26 -8.54 31.54
CA LEU A 78 5.61 -7.94 32.82
C LEU A 78 5.74 -6.43 32.82
N TRP A 79 5.56 -5.79 31.67
CA TRP A 79 5.97 -4.38 31.48
C TRP A 79 4.81 -3.39 31.35
N GLY A 80 3.58 -3.87 31.55
CA GLY A 80 2.41 -3.01 31.50
C GLY A 80 1.76 -2.96 30.13
N SER A 81 0.51 -2.52 30.11
CA SER A 81 -0.32 -2.55 28.90
C SER A 81 0.12 -1.56 27.85
N PHE A 82 0.80 -0.50 28.26
CA PHE A 82 1.33 0.48 27.31
C PHE A 82 2.50 -0.11 26.53
N LEU A 83 3.56 -0.52 27.22
CA LEU A 83 4.73 -1.09 26.55
C LEU A 83 4.38 -2.30 25.68
N CYS A 84 3.26 -2.94 25.96
CA CYS A 84 2.77 -4.01 25.11
C CYS A 84 2.43 -3.46 23.73
N GLU A 85 1.68 -2.35 23.67
CA GLU A 85 1.32 -1.73 22.39
C GLU A 85 2.55 -1.27 21.62
N LEU A 86 3.37 -0.47 22.30
CA LEU A 86 4.62 0.05 21.72
C LEU A 86 5.52 -1.07 21.19
N TRP A 87 5.66 -2.14 21.97
CA TRP A 87 6.45 -3.31 21.55
C TRP A 87 5.87 -3.90 20.29
N THR A 88 4.56 -4.17 20.31
CA THR A 88 3.86 -4.71 19.14
C THR A 88 4.03 -3.80 17.92
N SER A 89 3.96 -2.48 18.13
CA SER A 89 4.13 -1.55 17.02
C SER A 89 5.54 -1.65 16.43
N LEU A 90 6.55 -1.47 17.28
CA LEU A 90 7.95 -1.60 16.87
C LEU A 90 8.22 -2.95 16.19
N ASP A 91 7.50 -3.98 16.64
CA ASP A 91 7.64 -5.30 16.05
C ASP A 91 7.09 -5.30 14.64
N VAL A 92 5.90 -4.73 14.46
CA VAL A 92 5.27 -4.64 13.14
C VAL A 92 6.03 -3.67 12.24
N LEU A 93 6.49 -2.56 12.82
CA LEU A 93 7.23 -1.53 12.06
C LEU A 93 8.42 -2.16 11.34
N CYS A 94 9.26 -2.83 12.13
CA CYS A 94 10.53 -3.34 11.62
C CYS A 94 10.31 -4.32 10.49
N VAL A 95 9.23 -5.10 10.55
CA VAL A 95 9.04 -6.13 9.53
C VAL A 95 8.64 -5.47 8.22
N THR A 96 7.79 -4.44 8.31
CA THR A 96 7.33 -3.70 7.15
C THR A 96 8.49 -2.90 6.55
N ALA A 97 9.21 -2.17 7.41
CA ALA A 97 10.36 -1.36 6.98
C ALA A 97 11.42 -2.21 6.29
N SER A 98 11.67 -3.40 6.84
CA SER A 98 12.55 -4.35 6.15
C SER A 98 12.00 -4.68 4.76
N ILE A 99 10.84 -5.29 4.69
CA ILE A 99 10.33 -5.75 3.41
C ILE A 99 10.23 -4.59 2.42
N GLU A 100 9.99 -3.39 2.93
CA GLU A 100 9.96 -2.22 2.05
C GLU A 100 11.35 -1.85 1.54
N THR A 101 12.37 -1.78 2.41
CA THR A 101 13.73 -1.52 1.92
C THR A 101 14.17 -2.63 0.95
N LEU A 102 13.88 -3.87 1.29
CA LEU A 102 14.23 -4.97 0.40
C LEU A 102 13.55 -4.79 -0.96
N CYS A 103 12.41 -4.12 -0.97
CA CYS A 103 11.68 -3.86 -2.19
C CYS A 103 12.40 -2.78 -3.00
N VAL A 104 12.62 -1.65 -2.36
CA VAL A 104 13.40 -0.58 -2.96
C VAL A 104 14.67 -1.16 -3.54
N ILE A 105 15.44 -1.88 -2.70
CA ILE A 105 16.73 -2.43 -3.11
C ILE A 105 16.55 -3.19 -4.41
N ALA A 106 15.43 -3.89 -4.56
CA ALA A 106 15.15 -4.61 -5.81
C ALA A 106 14.95 -3.66 -6.98
N ILE A 107 13.95 -2.78 -6.88
CA ILE A 107 13.71 -1.75 -7.89
C ILE A 107 15.01 -1.03 -8.23
N ASP A 108 15.73 -0.60 -7.19
CA ASP A 108 16.96 0.16 -7.33
C ASP A 108 17.92 -0.50 -8.29
N ARG A 109 18.16 -1.80 -8.10
CA ARG A 109 19.07 -2.54 -8.98
C ARG A 109 18.52 -2.63 -10.39
N TYR A 110 17.24 -2.97 -10.51
CA TYR A 110 16.62 -3.00 -11.83
C TYR A 110 16.90 -1.73 -12.64
N LEU A 111 16.73 -0.55 -12.02
CA LEU A 111 16.94 0.71 -12.73
C LEU A 111 18.41 0.90 -13.08
N ALA A 112 19.30 0.53 -12.17
CA ALA A 112 20.75 0.69 -12.38
C ALA A 112 21.33 -0.30 -13.38
N ILE A 113 20.61 -1.39 -13.64
CA ILE A 113 21.10 -2.44 -14.53
C ILE A 113 20.58 -2.20 -15.95
N THR A 114 19.31 -1.84 -16.09
CA THR A 114 18.70 -1.59 -17.39
C THR A 114 18.99 -0.18 -17.92
N SER A 115 18.97 0.81 -17.04
CA SER A 115 19.18 2.20 -17.39
C SER A 115 20.33 2.78 -16.56
N PRO A 116 21.56 2.24 -16.73
CA PRO A 116 22.73 2.51 -15.85
C PRO A 116 23.23 3.95 -15.78
N PHE A 117 22.34 4.89 -16.05
CA PHE A 117 22.69 6.16 -16.65
C PHE A 117 21.88 7.28 -16.07
N ARG A 118 20.60 7.20 -16.43
CA ARG A 118 19.58 8.03 -15.90
C ARG A 118 19.69 7.72 -14.42
N TYR A 119 19.97 6.46 -14.11
CA TYR A 119 20.26 6.06 -12.74
C TYR A 119 21.42 6.86 -12.14
N GLN A 120 22.58 6.79 -12.78
CA GLN A 120 23.79 7.41 -12.24
C GLN A 120 23.67 8.92 -11.97
N SER A 121 22.90 9.61 -12.81
CA SER A 121 22.69 11.06 -12.66
C SER A 121 21.53 11.36 -11.71
N LEU A 122 20.48 10.55 -11.74
CA LEU A 122 19.30 10.76 -10.88
C LEU A 122 19.58 10.39 -9.43
N MET A 123 20.09 9.20 -9.20
CA MET A 123 20.32 8.70 -7.84
C MET A 123 21.57 9.33 -7.20
N THR A 124 21.32 10.23 -6.27
CA THR A 124 22.36 10.83 -5.48
C THR A 124 22.16 10.35 -4.05
N ARG A 125 23.23 10.35 -3.28
CA ARG A 125 23.18 9.93 -1.88
C ARG A 125 22.15 10.74 -1.11
N ALA A 126 22.13 12.05 -1.33
CA ALA A 126 21.15 12.94 -0.70
C ALA A 126 19.70 12.49 -0.98
N ARG A 127 19.46 12.01 -2.19
CA ARG A 127 18.16 11.46 -2.54
C ARG A 127 17.89 10.14 -1.83
N ALA A 128 18.84 9.21 -1.92
CA ALA A 128 18.64 7.89 -1.31
C ALA A 128 18.15 7.99 0.14
N LYS A 129 18.69 8.94 0.91
CA LYS A 129 18.24 9.17 2.27
C LYS A 129 16.77 9.53 2.32
N VAL A 130 16.34 10.37 1.38
CA VAL A 130 14.92 10.72 1.27
C VAL A 130 14.03 9.50 0.99
N ILE A 131 14.53 8.55 0.21
CA ILE A 131 13.82 7.28 0.01
C ILE A 131 13.82 6.44 1.31
N ILE A 132 14.94 6.39 2.02
CA ILE A 132 14.97 5.67 3.30
C ILE A 132 13.98 6.30 4.26
N CYS A 133 14.01 7.61 4.39
CA CYS A 133 13.06 8.30 5.24
C CYS A 133 11.62 8.02 4.83
N THR A 134 11.37 7.99 3.53
CA THR A 134 10.03 7.75 3.03
C THR A 134 9.59 6.33 3.34
N VAL A 135 10.51 5.39 3.21
CA VAL A 135 10.22 3.99 3.51
C VAL A 135 9.93 3.75 4.99
N TRP A 136 10.60 4.49 5.87
CA TRP A 136 10.28 4.44 7.29
C TRP A 136 8.96 5.17 7.57
N ALA A 137 8.82 6.38 7.06
CA ALA A 137 7.60 7.18 7.25
C ALA A 137 6.34 6.39 6.88
N ILE A 138 6.35 5.72 5.73
CA ILE A 138 5.22 4.89 5.35
C ILE A 138 5.05 3.82 6.42
N SER A 139 6.09 3.01 6.60
CA SER A 139 6.08 1.91 7.56
C SER A 139 5.56 2.30 8.93
N ALA A 140 6.12 3.36 9.49
CA ALA A 140 5.61 3.94 10.73
C ALA A 140 4.10 4.07 10.66
N LEU A 141 3.63 4.78 9.63
CA LEU A 141 2.23 5.12 9.47
C LEU A 141 1.35 3.87 9.42
N VAL A 142 1.74 2.88 8.61
CA VAL A 142 0.97 1.64 8.49
C VAL A 142 1.04 0.71 9.71
N SER A 143 2.14 0.77 10.45
CA SER A 143 2.32 -0.11 11.60
C SER A 143 1.79 0.56 12.86
N PHE A 144 2.37 1.69 13.23
CA PHE A 144 2.02 2.38 14.47
C PHE A 144 0.55 2.83 14.56
N LEU A 145 0.11 3.66 13.62
CA LEU A 145 -1.18 4.32 13.78
C LEU A 145 -2.37 3.37 13.97
N PRO A 146 -2.52 2.39 13.08
CA PRO A 146 -3.64 1.49 13.28
C PRO A 146 -3.61 0.78 14.64
N ILE A 147 -2.43 0.45 15.12
CA ILE A 147 -2.31 -0.17 16.44
C ILE A 147 -2.70 0.84 17.50
N MET A 148 -2.18 2.06 17.37
CA MET A 148 -2.51 3.13 18.32
C MET A 148 -4.02 3.32 18.43
N MET A 149 -4.72 3.22 17.30
CA MET A 149 -6.15 3.48 17.26
C MET A 149 -6.98 2.24 17.54
N HIS A 150 -6.35 1.14 17.94
CA HIS A 150 -7.07 -0.07 18.30
C HIS A 150 -7.94 -0.65 17.17
N TRP A 151 -7.50 -0.44 15.93
CA TRP A 151 -8.20 -0.97 14.76
C TRP A 151 -8.09 -2.48 14.66
N TRP A 152 -7.17 -3.03 15.45
CA TRP A 152 -6.80 -4.42 15.39
C TRP A 152 -7.67 -5.25 16.32
N ARG A 153 -8.29 -4.60 17.30
CA ARG A 153 -8.98 -5.31 18.37
C ARG A 153 -10.18 -6.10 17.87
N ASP A 154 -10.54 -7.15 18.61
CA ASP A 154 -11.65 -8.01 18.28
C ASP A 154 -12.77 -7.86 19.32
N GLU A 155 -13.94 -8.37 18.95
CA GLU A 155 -15.11 -8.38 19.80
C GLU A 155 -15.11 -9.68 20.59
N ASP A 156 -14.53 -10.72 19.99
CA ASP A 156 -14.35 -12.03 20.61
C ASP A 156 -14.00 -11.96 22.10
N PRO A 157 -14.47 -12.94 22.90
CA PRO A 157 -14.19 -12.84 24.33
C PRO A 157 -12.73 -13.20 24.67
N GLN A 158 -12.11 -14.05 23.84
CA GLN A 158 -10.68 -14.31 23.89
C GLN A 158 -9.92 -12.98 23.89
N ALA A 159 -10.05 -12.27 22.77
CA ALA A 159 -9.40 -10.99 22.57
C ALA A 159 -9.77 -10.05 23.69
N LEU A 160 -11.08 -9.95 23.95
CA LEU A 160 -11.58 -9.04 24.98
C LEU A 160 -10.89 -9.26 26.32
N LYS A 161 -10.73 -10.53 26.72
CA LYS A 161 -10.10 -10.86 27.99
C LYS A 161 -8.61 -10.53 27.99
N CYS A 162 -7.95 -10.80 26.87
CA CYS A 162 -6.54 -10.48 26.70
C CYS A 162 -6.24 -8.96 26.74
N TYR A 163 -7.20 -8.13 26.31
CA TYR A 163 -7.03 -6.68 26.37
C TYR A 163 -7.22 -6.17 27.80
N GLN A 164 -8.07 -6.85 28.55
CA GLN A 164 -8.38 -6.48 29.92
C GLN A 164 -7.16 -6.72 30.80
N ASP A 165 -6.49 -7.85 30.56
CA ASP A 165 -5.35 -8.29 31.36
C ASP A 165 -4.08 -7.52 30.96
N PRO A 166 -3.44 -6.81 31.91
CA PRO A 166 -2.15 -6.19 31.57
C PRO A 166 -0.99 -7.21 31.50
N GLY A 167 -1.28 -8.46 31.84
CA GLY A 167 -0.33 -9.54 31.67
C GLY A 167 -0.43 -10.29 30.35
N CYS A 168 -1.54 -10.13 29.63
CA CYS A 168 -1.64 -10.69 28.28
C CYS A 168 -1.11 -9.66 27.29
N CYS A 169 -0.22 -10.12 26.41
CA CYS A 169 0.25 -9.33 25.30
C CYS A 169 0.29 -10.23 24.09
N ASP A 170 -0.77 -11.03 23.94
CA ASP A 170 -1.02 -11.71 22.69
C ASP A 170 -1.53 -10.66 21.72
N PHE A 171 -1.09 -10.78 20.47
CA PHE A 171 -1.57 -9.92 19.42
C PHE A 171 -2.77 -10.62 18.79
N VAL A 172 -3.88 -10.60 19.51
CA VAL A 172 -5.14 -11.11 18.99
C VAL A 172 -5.79 -9.99 18.18
N THR A 173 -5.90 -10.20 16.86
CA THR A 173 -6.43 -9.16 15.96
C THR A 173 -7.66 -9.66 15.21
N ASN A 174 -8.64 -8.77 15.04
CA ASN A 174 -9.82 -9.11 14.24
C ASN A 174 -9.43 -9.53 12.84
N ARG A 175 -10.27 -10.33 12.21
CA ARG A 175 -9.90 -10.89 10.92
C ARG A 175 -9.51 -9.81 9.89
N ALA A 176 -10.21 -8.67 9.91
CA ALA A 176 -10.00 -7.63 8.90
C ALA A 176 -8.61 -7.06 8.96
N TYR A 177 -8.21 -6.56 10.13
CA TYR A 177 -6.84 -6.09 10.34
C TYR A 177 -5.84 -7.15 9.97
N ALA A 178 -6.07 -8.38 10.37
CA ALA A 178 -5.20 -9.48 9.97
C ALA A 178 -4.95 -9.38 8.46
N ILE A 179 -6.01 -9.59 7.67
CA ILE A 179 -5.87 -9.62 6.22
C ILE A 179 -5.33 -8.31 5.64
N ALA A 180 -5.89 -7.19 6.06
CA ALA A 180 -5.49 -5.93 5.48
C ALA A 180 -4.02 -5.67 5.77
N SER A 181 -3.65 -5.76 7.05
CA SER A 181 -2.30 -5.37 7.47
C SER A 181 -1.23 -6.32 6.96
N SER A 182 -1.56 -7.60 6.83
CA SER A 182 -0.61 -8.53 6.27
C SER A 182 -0.48 -8.29 4.77
N ILE A 183 -1.54 -7.82 4.12
CA ILE A 183 -1.43 -7.54 2.68
C ILE A 183 -0.64 -6.25 2.44
N ILE A 184 -0.96 -5.21 3.18
CA ILE A 184 -0.24 -3.95 3.03
C ILE A 184 1.21 -4.07 3.43
N SER A 185 1.46 -4.57 4.64
CA SER A 185 2.81 -4.61 5.20
C SER A 185 3.70 -5.65 4.57
N PHE A 186 3.13 -6.78 4.18
CA PHE A 186 3.93 -7.88 3.71
C PHE A 186 3.66 -8.24 2.25
N TYR A 187 2.50 -8.83 1.97
CA TYR A 187 2.28 -9.54 0.68
C TYR A 187 2.51 -8.73 -0.61
N ILE A 188 2.03 -7.48 -0.62
CA ILE A 188 2.24 -6.60 -1.77
C ILE A 188 3.74 -6.31 -1.94
N PRO A 189 4.37 -5.65 -0.96
CA PRO A 189 5.81 -5.49 -1.06
C PRO A 189 6.55 -6.75 -1.50
N LEU A 190 6.16 -7.90 -0.99
CA LEU A 190 6.84 -9.14 -1.35
C LEU A 190 6.59 -9.51 -2.80
N LEU A 191 5.35 -9.40 -3.27
CA LEU A 191 5.09 -9.77 -4.67
C LEU A 191 5.77 -8.77 -5.62
N ILE A 192 5.79 -7.49 -5.24
CA ILE A 192 6.53 -6.51 -6.01
C ILE A 192 7.96 -6.96 -6.05
N MET A 193 8.58 -7.10 -4.88
CA MET A 193 10.00 -7.50 -4.78
C MET A 193 10.33 -8.77 -5.58
N ILE A 194 9.45 -9.76 -5.55
CA ILE A 194 9.71 -10.99 -6.27
C ILE A 194 9.64 -10.80 -7.78
N PHE A 195 8.64 -10.05 -8.22
CA PHE A 195 8.49 -9.72 -9.65
C PHE A 195 9.72 -8.94 -10.16
N VAL A 196 10.06 -7.86 -9.47
CA VAL A 196 11.25 -7.06 -9.80
C VAL A 196 12.51 -7.90 -9.77
N ALA A 197 12.65 -8.73 -8.74
CA ALA A 197 13.85 -9.59 -8.58
C ALA A 197 13.97 -10.64 -9.68
N LEU A 198 12.86 -11.19 -10.15
CA LEU A 198 12.93 -12.09 -11.29
C LEU A 198 13.33 -11.35 -12.58
N ARG A 199 12.88 -10.11 -12.75
CA ARG A 199 13.30 -9.31 -13.90
C ARG A 199 14.80 -9.00 -13.81
N VAL A 200 15.24 -8.50 -12.65
CA VAL A 200 16.66 -8.21 -12.43
C VAL A 200 17.54 -9.43 -12.68
N TYR A 201 17.00 -10.62 -12.44
CA TYR A 201 17.71 -11.86 -12.72
C TYR A 201 17.77 -12.14 -14.22
N ARG A 202 16.63 -11.98 -14.91
CA ARG A 202 16.56 -12.24 -16.34
C ARG A 202 17.45 -11.28 -17.11
N GLU A 203 17.33 -9.99 -16.85
CA GLU A 203 18.16 -9.01 -17.56
C GLU A 203 19.63 -9.26 -17.26
N ALA A 204 19.95 -9.66 -16.03
CA ALA A 204 21.33 -9.95 -15.66
C ALA A 204 21.89 -11.12 -16.46
N LYS A 205 21.01 -12.04 -16.84
CA LYS A 205 21.41 -13.20 -17.64
C LYS A 205 21.65 -12.79 -19.09
N GLU A 206 20.69 -12.07 -19.69
CA GLU A 206 20.83 -11.59 -21.07
C GLU A 206 22.10 -10.76 -21.27
N GLN A 207 22.52 -10.01 -20.25
CA GLN A 207 23.76 -9.23 -20.34
C GLN A 207 24.99 -10.13 -20.45
N ILE A 208 25.12 -11.09 -19.53
CA ILE A 208 26.22 -12.04 -19.59
C ILE A 208 26.12 -12.93 -20.85
N ARG A 209 24.90 -13.19 -21.31
CA ARG A 209 24.71 -13.94 -22.54
C ARG A 209 25.26 -13.13 -23.72
N LYS A 210 24.98 -11.83 -23.72
CA LYS A 210 25.49 -10.90 -24.74
C LYS A 210 26.79 -10.23 -24.26
N ILE A 211 27.81 -11.04 -23.97
CA ILE A 211 29.09 -10.52 -23.45
C ILE A 211 30.30 -10.37 -24.38
N ASP A 212 31.27 -9.60 -23.87
CA ASP A 212 32.32 -8.95 -24.66
C ASP A 212 31.84 -8.48 -26.04
N ARG A 213 30.54 -8.21 -26.15
CA ARG A 213 29.98 -7.49 -27.27
C ARG A 213 29.89 -6.00 -26.91
N ALA A 214 30.10 -5.67 -25.64
CA ALA A 214 30.15 -4.28 -25.17
C ALA A 214 31.59 -3.87 -24.89
N SER A 215 31.81 -2.57 -24.75
CA SER A 215 33.15 -2.00 -24.57
C SER A 215 33.68 -2.27 -23.18
N LYS A 216 34.87 -1.79 -22.87
CA LYS A 216 35.38 -1.85 -21.51
C LYS A 216 34.78 -0.74 -20.63
N ARG A 217 34.25 0.31 -21.25
CA ARG A 217 33.60 1.37 -20.50
C ARG A 217 32.14 1.01 -20.20
N LYS A 218 31.46 0.44 -21.19
CA LYS A 218 30.08 -0.03 -21.03
C LYS A 218 30.01 -1.27 -20.13
N ARG A 219 31.16 -1.85 -19.82
CA ARG A 219 31.24 -3.12 -19.07
C ARG A 219 31.74 -2.93 -17.66
N VAL A 220 32.83 -2.19 -17.47
CA VAL A 220 33.40 -2.00 -16.12
C VAL A 220 32.48 -1.15 -15.22
N MET A 221 31.36 -0.68 -15.78
CA MET A 221 30.30 -0.08 -14.98
C MET A 221 29.10 -1.01 -14.79
N LEU A 222 28.93 -2.01 -15.66
CA LEU A 222 27.93 -3.06 -15.44
C LEU A 222 28.52 -4.16 -14.56
N MET A 223 29.72 -4.62 -14.92
CA MET A 223 30.52 -5.55 -14.11
C MET A 223 30.40 -5.24 -12.61
N ARG A 224 30.49 -3.95 -12.26
CA ARG A 224 30.49 -3.53 -10.86
C ARG A 224 29.16 -3.71 -10.15
N GLU A 225 28.07 -3.50 -10.88
CA GLU A 225 26.76 -3.51 -10.27
C GLU A 225 26.18 -4.91 -10.24
N HIS A 226 26.55 -5.73 -11.22
CA HIS A 226 26.25 -7.16 -11.20
C HIS A 226 26.92 -7.85 -10.01
N LYS A 227 28.15 -7.44 -9.70
CA LYS A 227 28.89 -8.05 -8.60
C LYS A 227 28.25 -7.60 -7.29
N ALA A 228 27.60 -8.54 -6.60
CA ALA A 228 26.80 -8.22 -5.40
C ALA A 228 25.31 -8.45 -5.61
N LEU A 229 24.89 -8.72 -6.84
CA LEU A 229 23.49 -9.06 -7.10
C LEU A 229 23.12 -10.36 -6.37
N LYS A 230 23.92 -11.40 -6.53
CA LYS A 230 23.59 -12.68 -5.90
C LYS A 230 23.54 -12.53 -4.39
N THR A 231 24.50 -11.82 -3.81
CA THR A 231 24.43 -11.53 -2.39
C THR A 231 23.07 -10.95 -2.00
N LEU A 232 22.56 -10.01 -2.80
CA LEU A 232 21.25 -9.40 -2.55
C LEU A 232 20.12 -10.38 -2.80
N GLY A 233 20.23 -11.15 -3.87
CA GLY A 233 19.22 -12.17 -4.17
C GLY A 233 19.10 -13.21 -3.07
N ILE A 234 20.21 -13.53 -2.40
CA ILE A 234 20.16 -14.36 -1.20
C ILE A 234 19.40 -13.61 -0.10
N ILE A 235 19.94 -12.47 0.32
CA ILE A 235 19.30 -11.60 1.32
C ILE A 235 17.77 -11.54 1.22
N MET A 236 17.26 -11.46 -0.01
CA MET A 236 15.82 -11.42 -0.27
C MET A 236 15.21 -12.79 -0.09
N GLY A 237 15.79 -13.79 -0.77
CA GLY A 237 15.32 -15.17 -0.69
C GLY A 237 15.24 -15.72 0.72
N VAL A 238 16.16 -15.32 1.59
CA VAL A 238 16.13 -15.75 2.99
C VAL A 238 14.99 -15.07 3.72
N PHE A 239 14.95 -13.75 3.66
CA PHE A 239 13.84 -12.98 4.26
C PHE A 239 12.47 -13.57 3.88
N THR A 240 12.30 -13.93 2.61
CA THR A 240 11.05 -14.51 2.15
C THR A 240 10.75 -15.81 2.88
N LEU A 241 11.71 -16.73 2.89
CA LEU A 241 11.54 -18.02 3.55
C LEU A 241 11.39 -17.88 5.08
N CYS A 242 12.10 -16.93 5.67
CA CYS A 242 12.01 -16.73 7.12
C CYS A 242 10.67 -16.16 7.59
N TRP A 243 9.93 -15.49 6.70
CA TRP A 243 8.65 -14.86 7.08
C TRP A 243 7.43 -15.38 6.34
N LEU A 244 7.58 -15.91 5.14
CA LEU A 244 6.41 -16.38 4.41
C LEU A 244 5.57 -17.33 5.27
N PRO A 245 6.21 -18.28 6.01
CA PRO A 245 5.43 -19.25 6.81
C PRO A 245 4.56 -18.56 7.85
N PHE A 246 5.15 -17.60 8.57
CA PHE A 246 4.41 -16.85 9.58
C PHE A 246 3.19 -16.19 8.99
N PHE A 247 3.32 -15.58 7.80
CA PHE A 247 2.20 -14.87 7.19
C PHE A 247 1.26 -15.80 6.46
N LEU A 248 1.77 -16.92 5.91
CA LEU A 248 0.89 -17.96 5.37
C LEU A 248 0.00 -18.47 6.49
N VAL A 249 0.59 -18.66 7.66
CA VAL A 249 -0.14 -19.19 8.78
C VAL A 249 -1.14 -18.15 9.28
N ASN A 250 -0.76 -16.88 9.22
CA ASN A 250 -1.66 -15.81 9.65
C ASN A 250 -2.94 -15.76 8.82
N ILE A 251 -2.81 -15.92 7.51
CA ILE A 251 -3.97 -15.96 6.62
C ILE A 251 -4.80 -17.22 6.89
N VAL A 252 -4.12 -18.35 7.10
CA VAL A 252 -4.80 -19.60 7.43
C VAL A 252 -5.60 -19.45 8.72
N ASN A 253 -4.99 -18.83 9.71
CA ASN A 253 -5.62 -18.63 11.02
C ASN A 253 -6.88 -17.77 10.97
N VAL A 254 -7.12 -17.12 9.85
CA VAL A 254 -8.31 -16.30 9.68
C VAL A 254 -9.51 -17.16 9.35
N PHE A 255 -9.40 -17.97 8.30
CA PHE A 255 -10.47 -18.90 7.91
C PHE A 255 -10.70 -19.98 8.94
N ASN A 256 -9.63 -20.42 9.60
CA ASN A 256 -9.70 -21.59 10.47
C ASN A 256 -8.84 -21.44 11.73
N ARG A 257 -9.36 -20.74 12.72
CA ARG A 257 -8.73 -20.74 14.05
C ARG A 257 -8.77 -22.18 14.52
N ASP A 258 -7.78 -22.58 15.32
CA ASP A 258 -7.69 -23.96 15.78
C ASP A 258 -7.53 -24.93 14.60
N LEU A 259 -6.64 -24.60 13.66
CA LEU A 259 -6.20 -25.53 12.61
C LEU A 259 -4.69 -25.73 12.61
N VAL A 260 -3.94 -24.68 12.94
CA VAL A 260 -2.49 -24.78 13.04
C VAL A 260 -2.06 -24.45 14.48
N PRO A 261 -1.32 -25.37 15.12
CA PRO A 261 -0.95 -25.26 16.54
C PRO A 261 -0.31 -23.94 16.94
N ASP A 262 -0.70 -23.44 18.11
CA ASP A 262 -0.20 -22.17 18.64
C ASP A 262 1.33 -22.09 18.83
N TRP A 263 1.97 -23.21 19.09
CA TRP A 263 3.44 -23.22 19.20
C TRP A 263 4.07 -23.05 17.82
N LEU A 264 3.44 -23.64 16.79
CA LEU A 264 3.94 -23.53 15.42
C LEU A 264 3.85 -22.07 14.98
N PHE A 265 2.80 -21.40 15.44
CA PHE A 265 2.67 -19.98 15.27
C PHE A 265 3.85 -19.24 15.90
N VAL A 266 4.06 -19.43 17.19
CA VAL A 266 5.16 -18.75 17.89
C VAL A 266 6.52 -19.17 17.33
N ALA A 267 6.60 -20.39 16.83
CA ALA A 267 7.83 -20.90 16.22
C ALA A 267 8.20 -19.99 15.05
N PHE A 268 7.28 -19.96 14.09
CA PHE A 268 7.40 -19.13 12.90
C PHE A 268 7.70 -17.67 13.20
N ASN A 269 7.01 -17.08 14.15
CA ASN A 269 7.32 -15.70 14.50
C ASN A 269 8.77 -15.57 14.93
N TRP A 270 9.31 -16.60 15.57
CA TRP A 270 10.72 -16.61 15.99
C TRP A 270 11.66 -16.89 14.83
N LEU A 271 11.25 -17.71 13.88
CA LEU A 271 12.00 -17.86 12.64
C LEU A 271 12.12 -16.49 11.99
N GLY A 272 11.05 -15.71 12.10
CA GLY A 272 11.05 -14.36 11.58
C GLY A 272 12.08 -13.47 12.25
N TYR A 273 12.11 -13.48 13.57
CA TYR A 273 13.09 -12.68 14.29
C TYR A 273 14.48 -13.20 13.99
N ALA A 274 14.59 -14.49 13.71
CA ALA A 274 15.87 -15.11 13.43
C ALA A 274 16.52 -14.45 12.21
N ASN A 275 15.72 -14.20 11.18
CA ASN A 275 16.21 -13.50 9.98
C ASN A 275 17.00 -12.21 10.24
N SER A 276 16.72 -11.51 11.33
CA SER A 276 17.48 -10.28 11.68
C SER A 276 18.98 -10.53 11.90
N ALA A 277 19.35 -11.77 12.23
CA ALA A 277 20.74 -12.11 12.49
C ALA A 277 21.41 -12.84 11.34
N MET A 278 20.70 -12.98 10.22
CA MET A 278 21.21 -13.77 9.09
C MET A 278 21.90 -12.92 8.02
N ASN A 279 21.65 -11.61 8.04
CA ASN A 279 22.19 -10.72 7.01
C ASN A 279 23.71 -10.63 7.07
N PRO A 280 24.28 -10.28 8.25
CA PRO A 280 25.73 -10.18 8.31
C PRO A 280 26.44 -11.49 7.94
N ILE A 281 25.90 -12.62 8.41
CA ILE A 281 26.41 -13.92 8.01
C ILE A 281 26.40 -14.03 6.48
N ILE A 282 25.33 -13.58 5.84
CA ILE A 282 25.25 -13.64 4.38
C ILE A 282 26.17 -12.62 3.69
N TYR A 283 26.42 -11.47 4.32
CA TYR A 283 27.32 -10.47 3.76
C TYR A 283 28.77 -10.94 3.78
N CYS A 284 29.08 -11.98 4.55
CA CYS A 284 30.42 -12.57 4.54
C CYS A 284 30.78 -13.27 3.23
N ARG A 285 29.80 -13.44 2.33
CA ARG A 285 30.11 -13.80 0.94
C ARG A 285 31.08 -12.81 0.33
N SER A 286 30.86 -11.52 0.61
CA SER A 286 31.67 -10.44 0.05
C SER A 286 33.05 -10.37 0.72
N PRO A 287 34.12 -10.49 -0.09
CA PRO A 287 35.49 -10.28 0.38
C PRO A 287 35.73 -8.93 1.08
N ASP A 288 35.04 -7.87 0.63
CA ASP A 288 35.22 -6.53 1.20
C ASP A 288 34.63 -6.43 2.61
N PHE A 289 33.43 -6.97 2.79
CA PHE A 289 32.79 -7.00 4.10
C PHE A 289 33.61 -7.83 5.07
N ARG A 290 34.06 -8.98 4.59
CA ARG A 290 34.90 -9.88 5.37
C ARG A 290 36.16 -9.17 5.86
N LYS A 291 36.86 -8.50 4.93
CA LYS A 291 38.02 -7.65 5.23
C LYS A 291 37.69 -6.55 6.23
N ALA A 292 36.49 -5.99 6.13
CA ALA A 292 36.02 -4.96 7.03
C ALA A 292 35.64 -5.49 8.43
N PHE A 293 35.13 -6.73 8.49
CA PHE A 293 34.77 -7.34 9.76
C PHE A 293 36.02 -7.73 10.56
N LYS A 294 37.03 -8.24 9.87
CA LYS A 294 38.33 -8.52 10.49
C LYS A 294 38.98 -7.23 11.01
N ARG A 295 39.02 -6.22 10.14
CA ARG A 295 39.44 -4.86 10.50
C ARG A 295 38.87 -4.38 11.83
N LEU A 296 37.56 -4.56 12.00
CA LEU A 296 36.82 -4.03 13.16
C LEU A 296 37.01 -4.88 14.42
N LEU A 297 37.13 -6.18 14.24
CA LEU A 297 37.31 -7.10 15.36
C LEU A 297 38.78 -7.11 15.84
N ALA A 298 39.68 -6.49 15.06
CA ALA A 298 41.07 -6.28 15.45
C ALA A 298 41.95 -7.52 15.28
N PHE A 299 41.68 -8.32 14.25
CA PHE A 299 42.48 -9.52 13.93
C PHE A 299 43.89 -9.12 13.47
N ALA B 3 -12.45 45.14 -19.25
CA ALA B 3 -11.80 43.99 -18.56
C ALA B 3 -12.63 43.52 -17.36
N GLU B 4 -12.90 44.43 -16.43
CA GLU B 4 -13.68 44.12 -15.22
C GLU B 4 -15.08 43.54 -15.51
N LEU B 5 -15.50 43.58 -16.77
CA LEU B 5 -16.71 42.90 -17.22
C LEU B 5 -16.37 41.52 -17.80
N LEU B 6 -15.28 41.43 -18.58
CA LEU B 6 -14.83 40.14 -19.16
C LEU B 6 -14.56 39.10 -18.07
N SER B 7 -14.12 39.60 -16.92
CA SER B 7 -14.07 38.81 -15.69
C SER B 7 -15.47 38.29 -15.36
N GLN B 8 -16.39 39.22 -15.09
CA GLN B 8 -17.78 38.90 -14.70
C GLN B 8 -18.49 37.86 -15.58
N GLN B 9 -18.21 37.89 -16.90
CA GLN B 9 -18.73 36.87 -17.80
C GLN B 9 -18.18 35.50 -17.40
N TRP B 10 -16.85 35.39 -17.41
CA TRP B 10 -16.15 34.15 -17.14
C TRP B 10 -16.55 33.59 -15.77
N GLU B 11 -16.64 34.45 -14.76
CA GLU B 11 -17.03 34.02 -13.41
C GLU B 11 -18.38 33.30 -13.39
N ALA B 12 -19.45 34.03 -13.68
CA ALA B 12 -20.80 33.46 -13.69
C ALA B 12 -20.96 32.38 -14.76
N GLY B 13 -20.22 32.52 -15.85
CA GLY B 13 -20.16 31.46 -16.86
C GLY B 13 -19.62 30.16 -16.30
N MET B 14 -18.53 30.24 -15.55
CA MET B 14 -17.87 29.08 -14.95
C MET B 14 -18.63 28.58 -13.74
N SER B 15 -19.21 29.50 -12.96
CA SER B 15 -20.10 29.14 -11.86
C SER B 15 -21.36 28.43 -12.35
N LEU B 16 -21.51 28.31 -13.67
CA LEU B 16 -22.61 27.59 -14.27
C LEU B 16 -22.21 26.14 -14.48
N LEU B 17 -21.07 25.92 -15.13
CA LEU B 17 -20.49 24.57 -15.23
C LEU B 17 -20.32 23.95 -13.85
N MET B 18 -19.67 24.68 -12.93
CA MET B 18 -19.43 24.19 -11.58
C MET B 18 -20.74 23.82 -10.89
N ALA B 19 -21.70 24.73 -10.86
CA ALA B 19 -23.03 24.43 -10.30
C ALA B 19 -23.72 23.25 -11.02
N LEU B 20 -23.41 23.07 -12.31
CA LEU B 20 -24.01 21.99 -13.08
C LEU B 20 -23.44 20.63 -12.71
N VAL B 21 -22.11 20.53 -12.66
CA VAL B 21 -21.47 19.23 -12.38
C VAL B 21 -21.89 18.74 -10.99
N VAL B 22 -21.87 19.65 -10.01
CA VAL B 22 -22.37 19.32 -8.67
C VAL B 22 -23.70 18.57 -8.76
N LEU B 23 -24.63 19.15 -9.52
CA LEU B 23 -25.95 18.57 -9.72
C LEU B 23 -25.85 17.19 -10.35
N LEU B 24 -25.18 17.10 -11.49
CA LEU B 24 -25.01 15.82 -12.19
C LEU B 24 -24.32 14.75 -11.29
N ILE B 25 -23.43 15.19 -10.41
CA ILE B 25 -22.75 14.28 -9.47
C ILE B 25 -23.69 13.88 -8.33
N VAL B 26 -24.16 14.86 -7.55
CA VAL B 26 -25.07 14.54 -6.45
C VAL B 26 -26.28 13.73 -6.94
N ALA B 27 -27.03 14.33 -7.87
CA ALA B 27 -28.24 13.71 -8.41
C ALA B 27 -27.96 12.30 -8.88
N GLY B 28 -27.02 12.16 -9.81
CA GLY B 28 -26.68 10.86 -10.35
C GLY B 28 -26.43 9.80 -9.28
N ASN B 29 -25.63 10.14 -8.27
CA ASN B 29 -25.20 9.14 -7.29
C ASN B 29 -26.24 8.87 -6.22
N VAL B 30 -26.94 9.92 -5.77
CA VAL B 30 -28.11 9.76 -4.88
C VAL B 30 -29.13 8.87 -5.58
N LEU B 31 -29.30 9.09 -6.87
CA LEU B 31 -30.07 8.16 -7.70
C LEU B 31 -29.56 6.72 -7.52
N VAL B 32 -28.25 6.50 -7.65
CA VAL B 32 -27.66 5.14 -7.55
C VAL B 32 -27.82 4.54 -6.15
N ILE B 33 -27.63 5.34 -5.11
CA ILE B 33 -27.80 4.88 -3.73
C ILE B 33 -29.24 4.44 -3.44
N ALA B 34 -30.22 5.19 -3.93
CA ALA B 34 -31.64 4.84 -3.74
C ALA B 34 -32.05 3.65 -4.59
N ALA B 35 -31.55 3.60 -5.82
CA ALA B 35 -31.88 2.52 -6.74
C ALA B 35 -31.40 1.14 -6.23
N ILE B 36 -30.48 1.14 -5.27
CA ILE B 36 -30.05 -0.09 -4.62
C ILE B 36 -30.77 -0.22 -3.29
N GLY B 37 -30.80 0.86 -2.52
CA GLY B 37 -31.47 0.88 -1.23
C GLY B 37 -32.97 0.65 -1.27
N SER B 38 -33.52 0.48 -2.47
CA SER B 38 -34.96 0.25 -2.63
C SER B 38 -35.28 -0.49 -3.92
N THR B 39 -34.63 -1.62 -4.16
CA THR B 39 -34.91 -2.47 -5.32
C THR B 39 -34.36 -3.86 -5.08
N GLN B 40 -35.25 -4.82 -4.87
CA GLN B 40 -34.87 -6.13 -4.35
C GLN B 40 -33.82 -6.85 -5.20
N ARG B 41 -33.93 -6.77 -6.52
CA ARG B 41 -33.00 -7.47 -7.40
C ARG B 41 -31.68 -6.72 -7.64
N LEU B 42 -31.59 -5.48 -7.18
CA LEU B 42 -30.35 -4.69 -7.22
C LEU B 42 -29.61 -4.69 -5.88
N GLN B 43 -29.87 -5.69 -5.05
CA GLN B 43 -29.20 -5.81 -3.76
C GLN B 43 -28.24 -6.99 -3.73
N THR B 44 -27.54 -7.21 -4.85
CA THR B 44 -26.45 -8.18 -4.89
C THR B 44 -25.37 -7.75 -3.89
N LEU B 45 -24.33 -8.57 -3.73
CA LEU B 45 -23.21 -8.21 -2.86
C LEU B 45 -22.36 -7.14 -3.53
N THR B 46 -22.12 -7.32 -4.82
CA THR B 46 -21.34 -6.36 -5.59
C THR B 46 -21.92 -4.94 -5.44
N ASN B 47 -23.23 -4.80 -5.52
CA ASN B 47 -23.83 -3.46 -5.41
C ASN B 47 -23.68 -2.82 -4.04
N LEU B 48 -23.29 -3.59 -3.03
CA LEU B 48 -22.93 -2.96 -1.77
C LEU B 48 -21.64 -2.16 -1.94
N PHE B 49 -20.73 -2.68 -2.77
CA PHE B 49 -19.48 -1.98 -3.05
C PHE B 49 -19.78 -0.77 -3.94
N ILE B 50 -20.64 -0.99 -4.93
CA ILE B 50 -21.09 0.08 -5.81
C ILE B 50 -21.75 1.21 -5.04
N THR B 51 -22.47 0.92 -3.97
CA THR B 51 -22.95 1.98 -3.07
C THR B 51 -21.76 2.71 -2.46
N SER B 52 -20.81 1.94 -1.94
CA SER B 52 -19.64 2.54 -1.30
C SER B 52 -18.99 3.49 -2.27
N LEU B 53 -18.65 2.93 -3.43
CA LEU B 53 -18.07 3.68 -4.54
C LEU B 53 -18.85 4.95 -4.84
N ALA B 54 -20.18 4.86 -4.77
CA ALA B 54 -21.08 6.00 -5.01
C ALA B 54 -21.15 7.01 -3.87
N CYS B 55 -20.60 6.71 -2.70
CA CYS B 55 -20.56 7.70 -1.62
C CYS B 55 -19.27 8.51 -1.74
N ALA B 56 -18.18 7.85 -2.12
CA ALA B 56 -16.94 8.53 -2.45
C ALA B 56 -17.27 9.67 -3.42
N ASP B 57 -17.91 9.29 -4.53
CA ASP B 57 -18.35 10.25 -5.54
C ASP B 57 -19.31 11.29 -4.91
N LEU B 58 -20.27 10.83 -4.13
CA LEU B 58 -21.22 11.74 -3.48
C LEU B 58 -20.54 12.81 -2.61
N VAL B 59 -19.51 12.42 -1.83
CA VAL B 59 -18.77 13.38 -1.01
C VAL B 59 -18.02 14.36 -1.93
N VAL B 60 -17.52 13.84 -3.05
CA VAL B 60 -16.84 14.66 -4.05
C VAL B 60 -17.72 15.80 -4.53
N GLY B 61 -19.00 15.49 -4.74
CA GLY B 61 -19.96 16.47 -5.28
C GLY B 61 -20.51 17.45 -4.26
N LEU B 62 -20.50 17.07 -2.99
CA LEU B 62 -21.05 17.96 -1.96
C LEU B 62 -19.98 18.81 -1.27
N LEU B 63 -18.73 18.33 -1.27
CA LEU B 63 -17.68 18.95 -0.47
C LEU B 63 -16.46 19.30 -1.30
N VAL B 64 -15.93 18.34 -2.04
CA VAL B 64 -14.71 18.58 -2.80
C VAL B 64 -14.97 19.66 -3.84
N VAL B 65 -15.96 19.46 -4.71
CA VAL B 65 -16.16 20.38 -5.84
C VAL B 65 -16.69 21.78 -5.47
N PRO B 66 -17.80 21.87 -4.70
CA PRO B 66 -18.23 23.18 -4.22
C PRO B 66 -17.10 24.09 -3.80
N PHE B 67 -16.23 23.61 -2.92
CA PHE B 67 -15.06 24.38 -2.45
C PHE B 67 -14.02 24.53 -3.57
N GLY B 68 -13.76 23.45 -4.30
CA GLY B 68 -12.84 23.50 -5.43
C GLY B 68 -13.36 24.42 -6.50
N ALA B 69 -14.68 24.54 -6.60
CA ALA B 69 -15.35 25.48 -7.49
C ALA B 69 -14.98 26.91 -7.07
N THR B 70 -15.34 27.25 -5.83
CA THR B 70 -15.06 28.59 -5.33
C THR B 70 -13.58 28.94 -5.37
N LEU B 71 -12.73 28.01 -5.81
CA LEU B 71 -11.31 28.28 -5.92
C LEU B 71 -10.89 28.53 -7.36
N VAL B 72 -11.40 27.75 -8.31
CA VAL B 72 -11.13 28.02 -9.73
C VAL B 72 -11.78 29.33 -10.16
N VAL B 73 -13.08 29.47 -9.88
CA VAL B 73 -13.81 30.70 -10.14
C VAL B 73 -13.17 31.91 -9.46
N ARG B 74 -13.27 31.99 -8.13
CA ARG B 74 -12.84 33.19 -7.40
C ARG B 74 -11.32 33.39 -7.32
N GLY B 75 -10.54 32.45 -7.88
CA GLY B 75 -9.07 32.60 -7.93
C GLY B 75 -8.30 32.33 -6.64
N THR B 76 -8.91 32.63 -5.48
CA THR B 76 -8.26 32.44 -4.19
C THR B 76 -9.02 31.42 -3.34
N TRP B 77 -8.51 31.16 -2.14
CA TRP B 77 -9.18 30.33 -1.16
C TRP B 77 -9.79 31.28 -0.14
N LEU B 78 -11.05 31.07 0.20
CA LEU B 78 -11.80 32.02 1.02
C LEU B 78 -12.18 31.48 2.39
N TRP B 79 -11.83 30.24 2.69
CA TRP B 79 -12.41 29.53 3.84
C TRP B 79 -11.46 29.27 5.00
N GLY B 80 -10.26 29.84 4.94
CA GLY B 80 -9.30 29.71 6.03
C GLY B 80 -8.35 28.55 5.83
N SER B 81 -7.21 28.60 6.51
CA SER B 81 -6.14 27.62 6.33
C SER B 81 -6.48 26.23 6.84
N PHE B 82 -7.41 26.13 7.79
CA PHE B 82 -7.86 24.84 8.29
C PHE B 82 -8.70 24.08 7.27
N LEU B 83 -9.77 24.72 6.81
CA LEU B 83 -10.65 24.08 5.81
C LEU B 83 -9.89 23.74 4.54
N CYS B 84 -8.78 24.41 4.28
CA CYS B 84 -7.92 24.04 3.16
C CYS B 84 -7.39 22.62 3.35
N GLU B 85 -6.84 22.34 4.53
CA GLU B 85 -6.29 21.01 4.83
C GLU B 85 -7.37 19.93 4.73
N LEU B 86 -8.46 20.15 5.44
CA LEU B 86 -9.60 19.23 5.49
C LEU B 86 -10.17 18.95 4.09
N TRP B 87 -10.28 20.01 3.28
CA TRP B 87 -10.70 19.89 1.88
C TRP B 87 -9.72 18.99 1.13
N THR B 88 -8.44 19.35 1.18
CA THR B 88 -7.39 18.55 0.54
C THR B 88 -7.43 17.09 0.95
N SER B 89 -7.61 16.84 2.25
CA SER B 89 -7.68 15.48 2.76
C SER B 89 -8.88 14.74 2.17
N LEU B 90 -10.07 15.32 2.31
CA LEU B 90 -11.30 14.75 1.74
C LEU B 90 -11.16 14.52 0.25
N ASP B 91 -10.42 15.39 -0.42
CA ASP B 91 -10.18 15.25 -1.84
C ASP B 91 -9.30 14.03 -2.12
N VAL B 92 -8.20 13.89 -1.36
CA VAL B 92 -7.30 12.74 -1.47
C VAL B 92 -7.98 11.42 -1.05
N LEU B 93 -8.78 11.52 0.03
CA LEU B 93 -9.49 10.35 0.59
C LEU B 93 -10.35 9.68 -0.45
N CYS B 94 -11.22 10.50 -1.05
CA CYS B 94 -12.21 9.99 -2.00
C CYS B 94 -11.59 9.33 -3.23
N VAL B 95 -10.41 9.79 -3.64
CA VAL B 95 -9.77 9.22 -4.83
C VAL B 95 -9.20 7.87 -4.48
N THR B 96 -8.58 7.78 -3.31
CA THR B 96 -7.99 6.51 -2.84
C THR B 96 -9.08 5.47 -2.53
N ALA B 97 -10.14 5.91 -1.84
CA ALA B 97 -11.24 5.03 -1.48
C ALA B 97 -11.92 4.48 -2.72
N SER B 98 -12.08 5.33 -3.72
CA SER B 98 -12.63 4.89 -5.00
C SER B 98 -11.76 3.81 -5.58
N ILE B 99 -10.51 4.15 -5.89
CA ILE B 99 -9.63 3.19 -6.53
C ILE B 99 -9.48 1.89 -5.74
N GLU B 100 -9.56 1.99 -4.40
CA GLU B 100 -9.53 0.81 -3.56
C GLU B 100 -10.82 -0.02 -3.70
N THR B 101 -12.00 0.61 -3.60
CA THR B 101 -13.23 -0.14 -3.83
C THR B 101 -13.24 -0.77 -5.22
N LEU B 102 -12.83 -0.01 -6.23
CA LEU B 102 -12.75 -0.53 -7.58
C LEU B 102 -11.81 -1.71 -7.65
N CYS B 103 -10.85 -1.74 -6.74
CA CYS B 103 -9.88 -2.83 -6.68
C CYS B 103 -10.54 -4.09 -6.09
N VAL B 104 -11.13 -3.93 -4.92
CA VAL B 104 -11.95 -4.95 -4.30
C VAL B 104 -12.95 -5.52 -5.32
N ILE B 105 -13.74 -4.64 -5.91
CA ILE B 105 -14.76 -5.07 -6.85
C ILE B 105 -14.14 -6.00 -7.88
N ALA B 106 -12.92 -5.71 -8.30
CA ALA B 106 -12.21 -6.56 -9.24
C ALA B 106 -11.93 -7.93 -8.61
N ILE B 107 -11.13 -7.94 -7.55
CA ILE B 107 -10.83 -9.19 -6.82
C ILE B 107 -12.11 -9.98 -6.51
N ASP B 108 -13.12 -9.29 -6.00
CA ASP B 108 -14.40 -9.86 -5.64
C ASP B 108 -15.00 -10.70 -6.78
N ARG B 109 -15.03 -10.15 -8.00
CA ARG B 109 -15.55 -10.88 -9.16
C ARG B 109 -14.63 -12.04 -9.49
N TYR B 110 -13.33 -11.80 -9.53
CA TYR B 110 -12.41 -12.89 -9.80
C TYR B 110 -12.70 -14.11 -8.94
N LEU B 111 -12.91 -13.91 -7.63
CA LEU B 111 -13.16 -15.03 -6.72
C LEU B 111 -14.50 -15.71 -7.00
N ALA B 112 -15.52 -14.92 -7.26
CA ALA B 112 -16.87 -15.44 -7.54
C ALA B 112 -17.01 -16.11 -8.91
N ILE B 113 -16.07 -15.86 -9.82
CA ILE B 113 -16.13 -16.43 -11.17
C ILE B 113 -15.34 -17.73 -11.23
N THR B 114 -14.17 -17.75 -10.59
CA THR B 114 -13.30 -18.93 -10.61
C THR B 114 -13.69 -19.93 -9.52
N SER B 115 -14.05 -19.42 -8.34
CA SER B 115 -14.42 -20.26 -7.20
C SER B 115 -15.83 -19.91 -6.70
N PRO B 116 -16.87 -20.16 -7.53
CA PRO B 116 -18.24 -19.60 -7.34
C PRO B 116 -18.98 -20.08 -6.08
N PHE B 117 -18.22 -20.51 -5.09
CA PHE B 117 -18.63 -21.56 -4.18
C PHE B 117 -18.20 -21.25 -2.78
N ARG B 118 -16.89 -21.28 -2.66
CA ARG B 118 -16.18 -20.88 -1.48
C ARG B 118 -16.57 -19.43 -1.35
N TYR B 119 -16.67 -18.75 -2.49
CA TYR B 119 -17.22 -17.41 -2.54
C TYR B 119 -18.61 -17.33 -1.91
N GLN B 120 -19.57 -18.10 -2.46
CA GLN B 120 -20.98 -18.02 -2.02
C GLN B 120 -21.20 -18.27 -0.52
N SER B 121 -20.38 -19.13 0.07
CA SER B 121 -20.46 -19.43 1.49
C SER B 121 -19.64 -18.45 2.34
N LEU B 122 -18.48 -18.03 1.84
CA LEU B 122 -17.61 -17.10 2.57
C LEU B 122 -18.17 -15.69 2.59
N MET B 123 -18.47 -15.15 1.40
CA MET B 123 -18.93 -13.77 1.29
C MET B 123 -20.38 -13.63 1.74
N THR B 124 -20.54 -12.98 2.89
CA THR B 124 -21.84 -12.62 3.41
C THR B 124 -21.93 -11.10 3.44
N ARG B 125 -23.14 -10.57 3.37
CA ARG B 125 -23.35 -9.13 3.41
C ARG B 125 -22.68 -8.52 4.65
N ALA B 126 -22.85 -9.15 5.80
CA ALA B 126 -22.21 -8.69 7.04
C ALA B 126 -20.69 -8.52 6.86
N ARG B 127 -20.07 -9.45 6.14
CA ARG B 127 -18.65 -9.38 5.87
C ARG B 127 -18.33 -8.25 4.90
N ALA B 128 -19.09 -8.17 3.81
CA ALA B 128 -18.84 -7.14 2.79
C ALA B 128 -18.77 -5.71 3.37
N LYS B 129 -19.58 -5.42 4.37
CA LYS B 129 -19.50 -4.15 5.09
C LYS B 129 -18.15 -3.98 5.80
N VAL B 130 -17.65 -5.06 6.39
CA VAL B 130 -16.35 -5.00 7.03
C VAL B 130 -15.27 -4.68 6.00
N ILE B 131 -15.39 -5.20 4.79
CA ILE B 131 -14.44 -4.87 3.74
C ILE B 131 -14.54 -3.39 3.37
N ILE B 132 -15.77 -2.89 3.21
CA ILE B 132 -15.99 -1.48 2.88
C ILE B 132 -15.36 -0.62 3.96
N CYS B 133 -15.67 -0.91 5.22
CA CYS B 133 -15.06 -0.18 6.33
C CYS B 133 -13.53 -0.23 6.29
N THR B 134 -12.99 -1.41 5.99
CA THR B 134 -11.56 -1.58 5.96
C THR B 134 -11.00 -0.70 4.88
N VAL B 135 -11.67 -0.71 3.72
CA VAL B 135 -11.23 0.10 2.56
C VAL B 135 -11.25 1.61 2.83
N TRP B 136 -12.22 2.06 3.61
CA TRP B 136 -12.26 3.45 4.05
C TRP B 136 -11.21 3.69 5.12
N ALA B 137 -11.13 2.80 6.09
CA ALA B 137 -10.17 2.95 7.20
C ALA B 137 -8.76 3.11 6.64
N ILE B 138 -8.39 2.25 5.69
CA ILE B 138 -7.08 2.35 5.10
C ILE B 138 -6.97 3.72 4.46
N SER B 139 -7.87 3.99 3.52
CA SER B 139 -7.91 5.24 2.78
C SER B 139 -7.79 6.45 3.70
N ALA B 140 -8.66 6.53 4.69
CA ALA B 140 -8.56 7.58 5.72
C ALA B 140 -7.12 7.74 6.16
N LEU B 141 -6.54 6.63 6.61
CA LEU B 141 -5.19 6.62 7.23
C LEU B 141 -4.14 7.15 6.27
N VAL B 142 -4.16 6.66 5.04
CA VAL B 142 -3.18 7.09 4.03
C VAL B 142 -3.38 8.51 3.51
N SER B 143 -4.62 8.99 3.52
CA SER B 143 -4.92 10.31 2.99
C SER B 143 -4.87 11.39 4.09
N PHE B 144 -5.68 11.23 5.12
CA PHE B 144 -5.75 12.22 6.20
C PHE B 144 -4.47 12.38 7.00
N LEU B 145 -3.95 11.31 7.57
CA LEU B 145 -2.86 11.44 8.54
C LEU B 145 -1.61 12.14 8.01
N PRO B 146 -1.06 11.66 6.90
CA PRO B 146 0.12 12.35 6.38
C PRO B 146 -0.13 13.84 6.17
N ILE B 147 -1.30 14.21 5.66
CA ILE B 147 -1.63 15.62 5.43
C ILE B 147 -1.70 16.36 6.77
N MET B 148 -2.37 15.74 7.75
CA MET B 148 -2.47 16.31 9.10
C MET B 148 -1.09 16.59 9.72
N MET B 149 -0.13 15.71 9.45
CA MET B 149 1.22 15.83 10.01
C MET B 149 2.18 16.61 9.13
N HIS B 150 1.66 17.24 8.08
CA HIS B 150 2.46 18.12 7.21
C HIS B 150 3.64 17.40 6.56
N TRP B 151 3.48 16.11 6.29
CA TRP B 151 4.52 15.33 5.63
C TRP B 151 4.70 15.70 4.17
N TRP B 152 3.75 16.49 3.69
CA TRP B 152 3.65 16.83 2.28
C TRP B 152 4.39 18.13 1.99
N ARG B 153 4.65 18.91 3.04
CA ARG B 153 5.17 20.27 2.87
C ARG B 153 6.58 20.31 2.32
N ASP B 154 6.90 21.39 1.62
CA ASP B 154 8.20 21.55 0.98
C ASP B 154 8.96 22.66 1.68
N GLU B 155 10.25 22.69 1.40
CA GLU B 155 11.19 23.69 1.91
C GLU B 155 11.21 24.86 0.93
N ASP B 156 11.01 24.55 -0.35
CA ASP B 156 10.93 25.53 -1.45
C ASP B 156 10.23 26.82 -1.00
N PRO B 157 10.68 27.97 -1.54
CA PRO B 157 10.03 29.21 -1.11
C PRO B 157 8.61 29.37 -1.68
N GLN B 158 8.36 28.76 -2.86
CA GLN B 158 7.01 28.62 -3.46
C GLN B 158 6.08 28.07 -2.41
N ALA B 159 6.33 26.82 -2.06
CA ALA B 159 5.54 26.10 -1.09
C ALA B 159 5.47 26.89 0.21
N LEU B 160 6.62 27.33 0.70
CA LEU B 160 6.69 28.09 1.96
C LEU B 160 5.75 29.29 1.98
N LYS B 161 5.75 30.06 0.89
CA LYS B 161 4.90 31.25 0.81
C LYS B 161 3.43 30.84 0.80
N CYS B 162 3.11 29.81 0.00
CA CYS B 162 1.75 29.28 -0.10
C CYS B 162 1.19 28.78 1.24
N TYR B 163 2.05 28.27 2.11
CA TYR B 163 1.62 27.80 3.44
C TYR B 163 1.40 28.96 4.39
N GLN B 164 2.14 30.05 4.16
CA GLN B 164 2.00 31.26 4.96
C GLN B 164 0.66 31.94 4.68
N ASP B 165 0.29 31.99 3.41
CA ASP B 165 -0.91 32.67 2.94
C ASP B 165 -2.16 31.80 3.24
N PRO B 166 -3.12 32.33 4.03
CA PRO B 166 -4.39 31.58 4.19
C PRO B 166 -5.29 31.64 2.95
N GLY B 167 -4.89 32.42 1.95
CA GLY B 167 -5.58 32.49 0.66
C GLY B 167 -5.03 31.53 -0.37
N CYS B 168 -3.81 31.02 -0.17
CA CYS B 168 -3.29 29.95 -1.03
C CYS B 168 -3.74 28.62 -0.48
N CYS B 169 -4.29 27.80 -1.38
CA CYS B 169 -4.61 26.41 -1.11
C CYS B 169 -4.22 25.60 -2.31
N ASP B 170 -3.03 25.90 -2.85
CA ASP B 170 -2.37 25.01 -3.78
C ASP B 170 -1.83 23.84 -2.98
N PHE B 171 -1.91 22.66 -3.55
CA PHE B 171 -1.35 21.49 -2.93
C PHE B 171 0.05 21.38 -3.48
N VAL B 172 0.94 22.21 -2.96
CA VAL B 172 2.35 22.12 -3.27
C VAL B 172 2.94 21.09 -2.32
N THR B 173 3.41 19.96 -2.86
CA THR B 173 3.94 18.88 -2.03
C THR B 173 5.38 18.54 -2.40
N ASN B 174 6.23 18.29 -1.41
CA ASN B 174 7.60 17.88 -1.68
C ASN B 174 7.63 16.65 -2.58
N ARG B 175 8.71 16.45 -3.28
CA ARG B 175 8.78 15.38 -4.27
C ARG B 175 8.50 13.99 -3.66
N ALA B 176 8.96 13.76 -2.43
CA ALA B 176 8.82 12.45 -1.78
C ALA B 176 7.36 12.09 -1.58
N TYR B 177 6.61 12.94 -0.91
CA TYR B 177 5.17 12.75 -0.74
C TYR B 177 4.46 12.60 -2.06
N ALA B 178 4.80 13.42 -3.04
CA ALA B 178 4.25 13.25 -4.38
C ALA B 178 4.36 11.79 -4.83
N ILE B 179 5.59 11.30 -4.97
CA ILE B 179 5.83 9.93 -5.43
C ILE B 179 5.20 8.88 -4.50
N ALA B 180 5.48 8.99 -3.21
CA ALA B 180 5.03 7.97 -2.27
C ALA B 180 3.49 7.90 -2.29
N SER B 181 2.86 9.05 -2.10
CA SER B 181 1.41 9.08 -1.97
C SER B 181 0.69 8.74 -3.27
N SER B 182 1.26 9.09 -4.41
CA SER B 182 0.63 8.69 -5.65
C SER B 182 0.83 7.20 -5.92
N ILE B 183 1.91 6.61 -5.38
CA ILE B 183 2.11 5.17 -5.56
C ILE B 183 1.20 4.39 -4.64
N ILE B 184 1.18 4.76 -3.36
CA ILE B 184 0.27 4.11 -2.43
C ILE B 184 -1.19 4.23 -2.85
N SER B 185 -1.67 5.47 -2.94
CA SER B 185 -3.10 5.74 -3.14
C SER B 185 -3.58 5.37 -4.52
N PHE B 186 -2.74 5.51 -5.53
CA PHE B 186 -3.22 5.32 -6.89
C PHE B 186 -2.55 4.16 -7.65
N TYR B 187 -1.26 4.25 -7.94
CA TYR B 187 -0.62 3.32 -8.90
C TYR B 187 -0.66 1.83 -8.57
N ILE B 188 -0.38 1.48 -7.32
CA ILE B 188 -0.48 0.09 -6.86
C ILE B 188 -1.92 -0.42 -7.02
N PRO B 189 -2.88 0.14 -6.27
CA PRO B 189 -4.26 -0.25 -6.46
C PRO B 189 -4.68 -0.40 -7.93
N LEU B 190 -4.18 0.49 -8.79
CA LEU B 190 -4.55 0.49 -10.20
C LEU B 190 -3.88 -0.66 -10.92
N LEU B 191 -2.61 -0.92 -10.65
CA LEU B 191 -1.96 -2.06 -11.32
C LEU B 191 -2.59 -3.38 -10.84
N ILE B 192 -2.87 -3.47 -9.54
CA ILE B 192 -3.57 -4.64 -9.02
C ILE B 192 -4.88 -4.80 -9.80
N MET B 193 -5.73 -3.78 -9.73
CA MET B 193 -7.02 -3.77 -10.40
C MET B 193 -6.92 -4.16 -11.88
N ILE B 194 -5.93 -3.64 -12.59
CA ILE B 194 -5.78 -3.95 -14.01
C ILE B 194 -5.39 -5.41 -14.21
N PHE B 195 -4.44 -5.87 -13.42
CA PHE B 195 -4.02 -7.27 -13.49
C PHE B 195 -5.21 -8.21 -13.21
N VAL B 196 -5.89 -7.97 -12.09
CA VAL B 196 -7.08 -8.73 -11.72
C VAL B 196 -8.14 -8.67 -12.81
N ALA B 197 -8.42 -7.47 -13.30
CA ALA B 197 -9.46 -7.29 -14.34
C ALA B 197 -9.10 -8.03 -15.62
N LEU B 198 -7.84 -8.02 -16.04
CA LEU B 198 -7.47 -8.78 -17.23
C LEU B 198 -7.67 -10.30 -17.01
N ARG B 199 -7.43 -10.78 -15.79
CA ARG B 199 -7.68 -12.20 -15.47
C ARG B 199 -9.18 -12.49 -15.50
N VAL B 200 -9.96 -11.68 -14.81
CA VAL B 200 -11.43 -11.81 -14.83
C VAL B 200 -11.96 -11.80 -16.26
N TYR B 201 -11.32 -11.04 -17.15
CA TYR B 201 -11.71 -11.02 -18.57
C TYR B 201 -11.35 -12.34 -19.24
N ARG B 202 -10.13 -12.83 -19.03
CA ARG B 202 -9.67 -14.07 -19.67
C ARG B 202 -10.51 -15.26 -19.24
N GLU B 203 -10.69 -15.43 -17.93
CA GLU B 203 -11.49 -16.53 -17.43
C GLU B 203 -12.93 -16.44 -17.91
N ALA B 204 -13.47 -15.23 -17.98
CA ALA B 204 -14.82 -15.02 -18.49
C ALA B 204 -14.93 -15.48 -19.94
N LYS B 205 -13.85 -15.35 -20.71
CA LYS B 205 -13.83 -15.77 -22.11
C LYS B 205 -13.77 -17.29 -22.21
N GLU B 206 -12.85 -17.91 -21.47
CA GLU B 206 -12.73 -19.39 -21.45
C GLU B 206 -14.04 -20.09 -21.04
N GLN B 207 -14.82 -19.46 -20.15
CA GLN B 207 -16.12 -20.01 -19.77
C GLN B 207 -17.10 -20.01 -20.94
N ILE B 208 -17.28 -18.86 -21.59
CA ILE B 208 -18.15 -18.79 -22.76
C ILE B 208 -17.60 -19.63 -23.93
N ARG B 209 -16.27 -19.77 -24.00
CA ARG B 209 -15.65 -20.64 -25.00
C ARG B 209 -16.02 -22.10 -24.72
N LYS B 210 -16.01 -22.48 -23.43
CA LYS B 210 -16.42 -23.83 -22.99
C LYS B 210 -17.89 -23.84 -22.54
N ILE B 211 -18.78 -23.41 -23.44
CA ILE B 211 -20.23 -23.42 -23.25
C ILE B 211 -20.74 -24.42 -24.29
N ASP B 212 -20.61 -23.99 -25.56
CA ASP B 212 -21.10 -24.68 -26.78
C ASP B 212 -22.31 -25.62 -26.57
N ARG B 213 -22.06 -26.83 -26.04
CA ARG B 213 -23.11 -27.81 -25.84
C ARG B 213 -23.77 -27.59 -24.48
N ALA B 214 -24.64 -26.58 -24.45
CA ALA B 214 -25.38 -26.17 -23.26
C ALA B 214 -26.81 -25.76 -23.64
N SER B 215 -27.61 -25.37 -22.65
CA SER B 215 -29.04 -25.11 -22.84
C SER B 215 -29.34 -23.62 -22.98
N LYS B 216 -30.62 -23.24 -22.93
CA LYS B 216 -31.04 -21.84 -22.72
C LYS B 216 -31.35 -21.58 -21.24
N ARG B 217 -30.69 -22.33 -20.36
CA ARG B 217 -30.84 -22.22 -18.91
C ARG B 217 -29.49 -21.97 -18.20
N LYS B 218 -28.38 -22.23 -18.91
CA LYS B 218 -27.05 -21.76 -18.53
C LYS B 218 -26.65 -20.54 -19.38
N ARG B 219 -26.95 -20.58 -20.68
CA ARG B 219 -26.67 -19.47 -21.60
C ARG B 219 -27.39 -18.19 -21.17
N VAL B 220 -28.53 -18.33 -20.50
CA VAL B 220 -29.25 -17.19 -19.94
C VAL B 220 -28.49 -16.55 -18.78
N MET B 221 -28.17 -17.35 -17.77
CA MET B 221 -27.51 -16.83 -16.55
C MET B 221 -26.10 -16.26 -16.83
N LEU B 222 -25.44 -16.73 -17.90
CA LEU B 222 -24.14 -16.16 -18.28
C LEU B 222 -24.30 -14.83 -19.00
N MET B 223 -25.18 -14.79 -19.99
CA MET B 223 -25.39 -13.57 -20.79
C MET B 223 -25.58 -12.36 -19.89
N ARG B 224 -26.57 -12.42 -18.99
CA ARG B 224 -26.87 -11.32 -18.07
C ARG B 224 -25.70 -10.97 -17.12
N GLU B 225 -24.82 -11.93 -16.87
CA GLU B 225 -23.71 -11.75 -15.93
C GLU B 225 -22.48 -11.19 -16.61
N HIS B 226 -22.15 -11.71 -17.77
CA HIS B 226 -21.06 -11.15 -18.57
C HIS B 226 -21.38 -9.71 -19.01
N LYS B 227 -22.64 -9.33 -18.90
CA LYS B 227 -23.09 -7.96 -19.11
C LYS B 227 -22.88 -7.06 -17.87
N ALA B 228 -23.05 -7.62 -16.67
CA ALA B 228 -22.75 -6.86 -15.46
C ALA B 228 -21.24 -6.77 -15.31
N LEU B 229 -20.53 -7.80 -15.77
CA LEU B 229 -19.08 -7.72 -15.80
C LEU B 229 -18.65 -6.57 -16.69
N LYS B 230 -19.19 -6.51 -17.90
CA LYS B 230 -18.82 -5.42 -18.82
C LYS B 230 -19.14 -4.05 -18.22
N THR B 231 -20.32 -3.93 -17.61
CA THR B 231 -20.67 -2.70 -16.93
C THR B 231 -19.58 -2.30 -15.95
N LEU B 232 -19.09 -3.27 -15.18
CA LEU B 232 -18.01 -3.01 -14.23
C LEU B 232 -16.70 -2.71 -14.94
N GLY B 233 -16.40 -3.47 -15.99
CA GLY B 233 -15.19 -3.24 -16.79
C GLY B 233 -15.14 -1.85 -17.39
N ILE B 234 -16.28 -1.33 -17.81
CA ILE B 234 -16.38 0.07 -18.20
C ILE B 234 -16.04 0.96 -17.00
N ILE B 235 -16.86 0.87 -15.95
CA ILE B 235 -16.66 1.62 -14.70
C ILE B 235 -15.19 1.79 -14.28
N MET B 236 -14.41 0.72 -14.45
CA MET B 236 -12.97 0.71 -14.17
C MET B 236 -12.21 1.46 -15.24
N GLY B 237 -12.43 1.05 -16.48
CA GLY B 237 -11.76 1.67 -17.63
C GLY B 237 -11.91 3.19 -17.67
N VAL B 238 -13.08 3.68 -17.28
CA VAL B 238 -13.32 5.11 -17.29
C VAL B 238 -12.51 5.75 -16.18
N PHE B 239 -12.70 5.26 -14.97
CA PHE B 239 -11.92 5.75 -13.82
C PHE B 239 -10.43 5.84 -14.17
N THR B 240 -9.91 4.80 -14.81
CA THR B 240 -8.50 4.77 -15.17
C THR B 240 -8.15 5.93 -16.07
N LEU B 241 -8.90 6.09 -17.17
CA LEU B 241 -8.67 7.18 -18.14
C LEU B 241 -8.92 8.57 -17.54
N CYS B 242 -9.91 8.69 -16.68
CA CYS B 242 -10.20 9.98 -16.05
C CYS B 242 -9.14 10.45 -15.05
N TRP B 243 -8.31 9.53 -14.55
CA TRP B 243 -7.30 9.90 -13.55
C TRP B 243 -5.86 9.60 -13.93
N LEU B 244 -5.63 8.64 -14.80
CA LEU B 244 -4.26 8.34 -15.16
C LEU B 244 -3.49 9.60 -15.61
N PRO B 245 -4.13 10.49 -16.39
CA PRO B 245 -3.40 11.68 -16.88
C PRO B 245 -2.95 12.56 -15.74
N PHE B 246 -3.84 12.80 -14.78
CA PHE B 246 -3.50 13.60 -13.62
C PHE B 246 -2.29 13.03 -12.90
N PHE B 247 -2.26 11.72 -12.69
CA PHE B 247 -1.16 11.12 -11.94
C PHE B 247 0.09 10.92 -12.78
N LEU B 248 -0.08 10.68 -14.09
CA LEU B 248 1.08 10.68 -15.00
C LEU B 248 1.75 12.04 -14.94
N VAL B 249 0.93 13.09 -14.95
CA VAL B 249 1.45 14.45 -14.93
C VAL B 249 2.11 14.73 -13.58
N ASN B 250 1.53 14.19 -12.51
CA ASN B 250 2.07 14.40 -11.17
C ASN B 250 3.49 13.83 -11.05
N ILE B 251 3.71 12.64 -11.61
CA ILE B 251 5.05 12.03 -11.63
C ILE B 251 5.99 12.82 -12.51
N VAL B 252 5.50 13.28 -13.67
CA VAL B 252 6.32 14.11 -14.56
C VAL B 252 6.73 15.43 -13.87
N ASN B 253 5.78 16.03 -13.14
CA ASN B 253 6.01 17.29 -12.45
C ASN B 253 7.10 17.19 -11.38
N VAL B 254 7.48 15.97 -11.02
CA VAL B 254 8.53 15.74 -10.02
C VAL B 254 9.89 15.93 -10.66
N PHE B 255 10.17 15.18 -11.72
CA PHE B 255 11.44 15.32 -12.42
C PHE B 255 11.60 16.69 -13.08
N ASN B 256 10.49 17.25 -13.55
CA ASN B 256 10.56 18.47 -14.34
C ASN B 256 9.41 19.46 -14.08
N ARG B 257 9.54 20.23 -12.99
CA ARG B 257 8.63 21.34 -12.77
C ARG B 257 8.79 22.26 -13.98
N ASP B 258 7.72 22.96 -14.35
CA ASP B 258 7.76 23.83 -15.52
C ASP B 258 8.05 23.05 -16.81
N LEU B 259 7.39 21.91 -16.97
CA LEU B 259 7.39 21.17 -18.26
C LEU B 259 5.97 20.96 -18.80
N VAL B 260 5.01 20.79 -17.91
CA VAL B 260 3.61 20.67 -18.31
C VAL B 260 2.79 21.81 -17.69
N PRO B 261 2.07 22.56 -18.54
CA PRO B 261 1.36 23.78 -18.13
C PRO B 261 0.42 23.63 -16.96
N ASP B 262 0.43 24.60 -16.07
CA ASP B 262 -0.37 24.57 -14.86
C ASP B 262 -1.87 24.44 -15.11
N TRP B 263 -2.38 24.96 -16.22
CA TRP B 263 -3.80 24.81 -16.56
C TRP B 263 -4.10 23.35 -16.94
N LEU B 264 -3.17 22.72 -17.65
CA LEU B 264 -3.32 21.32 -18.04
C LEU B 264 -3.35 20.44 -16.80
N PHE B 265 -2.58 20.82 -15.78
CA PHE B 265 -2.66 20.19 -14.48
C PHE B 265 -4.08 20.35 -13.91
N VAL B 266 -4.55 21.59 -13.78
CA VAL B 266 -5.88 21.83 -13.19
C VAL B 266 -6.95 21.19 -14.05
N ALA B 267 -6.72 21.12 -15.36
CA ALA B 267 -7.68 20.52 -16.28
C ALA B 267 -7.91 19.08 -15.88
N PHE B 268 -6.82 18.31 -15.93
CA PHE B 268 -6.81 16.91 -15.53
C PHE B 268 -7.38 16.64 -14.14
N ASN B 269 -7.07 17.46 -13.16
CA ASN B 269 -7.68 17.29 -11.84
C ASN B 269 -9.19 17.43 -11.96
N TRP B 270 -9.66 18.28 -12.87
CA TRP B 270 -11.12 18.42 -13.08
C TRP B 270 -11.69 17.28 -13.90
N LEU B 271 -10.92 16.73 -14.84
CA LEU B 271 -11.32 15.51 -15.50
C LEU B 271 -11.50 14.45 -14.43
N GLY B 272 -10.62 14.47 -13.44
CA GLY B 272 -10.72 13.53 -12.33
C GLY B 272 -12.02 13.67 -11.56
N TYR B 273 -12.39 14.89 -11.21
CA TYR B 273 -13.65 15.12 -10.50
C TYR B 273 -14.83 14.77 -11.40
N ALA B 274 -14.64 14.91 -12.71
CA ALA B 274 -15.69 14.62 -13.67
C ALA B 274 -16.14 13.17 -13.57
N ASN B 275 -15.18 12.26 -13.44
CA ASN B 275 -15.47 10.84 -13.26
C ASN B 275 -16.51 10.54 -12.17
N SER B 276 -16.60 11.37 -11.14
CA SER B 276 -17.61 11.16 -10.09
C SER B 276 -19.06 11.16 -10.63
N ALA B 277 -19.28 11.83 -11.76
CA ALA B 277 -20.62 11.92 -12.34
C ALA B 277 -20.83 11.00 -13.53
N MET B 278 -19.88 10.11 -13.78
CA MET B 278 -19.96 9.24 -14.96
C MET B 278 -20.50 7.86 -14.65
N ASN B 279 -20.50 7.46 -13.37
CA ASN B 279 -20.93 6.12 -12.98
C ASN B 279 -22.42 5.89 -13.25
N PRO B 280 -23.29 6.74 -12.70
CA PRO B 280 -24.72 6.54 -12.94
C PRO B 280 -25.04 6.48 -14.44
N ILE B 281 -24.50 7.42 -15.20
CA ILE B 281 -24.66 7.39 -16.65
C ILE B 281 -24.27 5.99 -17.16
N ILE B 282 -23.15 5.44 -16.68
CA ILE B 282 -22.70 4.11 -17.15
C ILE B 282 -23.58 2.98 -16.62
N TYR B 283 -24.17 3.15 -15.43
CA TYR B 283 -25.09 2.12 -14.91
C TYR B 283 -26.38 2.01 -15.72
N CYS B 284 -26.72 3.06 -16.48
CA CYS B 284 -27.90 3.01 -17.35
C CYS B 284 -27.79 1.96 -18.46
N ARG B 285 -26.62 1.35 -18.62
CA ARG B 285 -26.50 0.15 -19.44
C ARG B 285 -27.45 -0.94 -18.94
N SER B 286 -27.55 -1.03 -17.62
CA SER B 286 -28.38 -2.05 -16.96
C SER B 286 -29.87 -1.70 -17.03
N PRO B 287 -30.67 -2.60 -17.62
CA PRO B 287 -32.13 -2.47 -17.63
C PRO B 287 -32.76 -2.30 -16.25
N ASP B 288 -32.20 -2.96 -15.24
CA ASP B 288 -32.71 -2.90 -13.86
C ASP B 288 -32.52 -1.54 -13.22
N PHE B 289 -31.32 -0.99 -13.38
CA PHE B 289 -31.01 0.36 -12.88
C PHE B 289 -31.89 1.38 -13.57
N ARG B 290 -32.01 1.24 -14.89
CA ARG B 290 -32.83 2.12 -15.72
C ARG B 290 -34.28 2.12 -15.22
N LYS B 291 -34.83 0.92 -15.03
CA LYS B 291 -36.17 0.72 -14.43
C LYS B 291 -36.28 1.36 -13.05
N ALA B 292 -35.21 1.28 -12.26
CA ALA B 292 -35.16 1.84 -10.92
C ALA B 292 -35.04 3.38 -10.93
N PHE B 293 -34.35 3.93 -11.93
CA PHE B 293 -34.21 5.38 -12.05
C PHE B 293 -35.52 6.04 -12.49
N LYS B 294 -36.23 5.38 -13.41
CA LYS B 294 -37.57 5.82 -13.81
C LYS B 294 -38.55 5.75 -12.64
N ARG B 295 -38.56 4.61 -11.97
CA ARG B 295 -39.27 4.42 -10.69
C ARG B 295 -39.12 5.60 -9.72
N LEU B 296 -37.87 6.06 -9.52
CA LEU B 296 -37.55 7.08 -8.53
C LEU B 296 -37.87 8.50 -8.99
N LEU B 297 -37.72 8.75 -10.28
CA LEU B 297 -38.02 10.06 -10.85
C LEU B 297 -39.54 10.26 -11.07
N ALA B 298 -40.31 9.18 -10.94
CA ALA B 298 -41.77 9.23 -10.97
C ALA B 298 -42.35 9.32 -12.38
N PHE B 299 -41.70 8.67 -13.35
CA PHE B 299 -42.18 8.63 -14.74
C PHE B 299 -43.48 7.85 -14.83
#